data_7K6Y
#
_entry.id   7K6Y
#
_cell.length_a   61.530
_cell.length_b   130.890
_cell.length_c   137.180
_cell.angle_alpha   90.000
_cell.angle_beta   90.000
_cell.angle_gamma   90.000
#
_symmetry.space_group_name_H-M   'C 2 2 21'
#
loop_
_entity.id
_entity.type
_entity.pdbx_description
1 polymer 'Myo-inositol phosphohydrolase'
2 non-polymer 'SULFATE ION'
3 non-polymer GLYCEROL
4 non-polymer (4S)-2-METHYL-2,4-PENTANEDIOL
5 non-polymer 'ACETATE ION'
6 water water
#
_entity_poly.entity_id   1
_entity_poly.type   'polypeptide(L)'
_entity_poly.pdbx_seq_one_letter_code
;MGSSHHHHHHSSGLVPRGSHMAASAEPGPDVGVLTLDAPAASALPHRFRTCFFPLTASDGAAVPSREGLNGLRVSGSSQF
SLAGLALMREQFPPRAVIVDLRRESHGFLGGNAVSWRLPDNQGNPGRDAAFVAEAEAALLAAIDERPDIVVAREARRGGP
TPLTLGPLPAVSEAQAAASLGLGYLRLAVSDHTRPDDAVVERFVRFSRSLPPDVWLHFHCRGGAGRTTTFMTLVDMLRNA
PSVAFEDIIARQKALGGSDLAKTSDGSAPGRDALARQRLEFLRRFYEYARANPGGAPLGWTAWLAGGAKP
;
_entity_poly.pdbx_strand_id   A,B
#
# COMPACT_ATOMS: atom_id res chain seq x y z
N PRO A 29 10.64 -21.05 -16.47
CA PRO A 29 9.30 -20.53 -16.80
C PRO A 29 9.35 -19.20 -17.52
N ASP A 30 8.40 -18.97 -18.42
CA ASP A 30 8.33 -17.71 -19.15
C ASP A 30 7.78 -16.63 -18.23
N VAL A 31 8.57 -15.57 -18.02
CA VAL A 31 8.11 -14.44 -17.22
C VAL A 31 7.42 -13.37 -18.06
N GLY A 32 7.50 -13.46 -19.38
CA GLY A 32 6.82 -12.53 -20.25
C GLY A 32 7.78 -11.54 -20.89
N VAL A 33 7.29 -10.88 -21.93
CA VAL A 33 8.02 -9.84 -22.62
C VAL A 33 7.83 -8.53 -21.84
N LEU A 34 8.94 -7.93 -21.42
CA LEU A 34 8.87 -6.61 -20.79
C LEU A 34 8.32 -5.61 -21.79
N THR A 35 7.14 -5.06 -21.48
CA THR A 35 6.38 -4.27 -22.42
C THR A 35 5.96 -2.95 -21.77
N LEU A 36 5.82 -1.93 -22.61
CA LEU A 36 5.42 -0.60 -22.16
C LEU A 36 3.90 -0.54 -22.03
N ASP A 37 3.44 -0.05 -20.87
CA ASP A 37 2.03 0.26 -20.68
C ASP A 37 1.71 1.72 -20.94
N ALA A 38 2.58 2.62 -20.46
CA ALA A 38 2.35 4.03 -20.61
C ALA A 38 3.70 4.75 -20.57
N PRO A 39 4.02 5.56 -21.57
CA PRO A 39 5.27 6.32 -21.51
C PRO A 39 5.26 7.33 -20.40
N ALA A 40 6.46 7.68 -19.94
CA ALA A 40 6.60 8.64 -18.85
C ALA A 40 5.98 9.99 -19.20
N ALA A 41 6.01 10.35 -20.48
CA ALA A 41 5.47 11.64 -20.92
C ALA A 41 3.94 11.65 -20.94
N SER A 42 3.28 10.51 -20.80
CA SER A 42 1.82 10.52 -20.81
C SER A 42 1.29 11.14 -19.52
N ALA A 43 0.16 11.84 -19.65
CA ALA A 43 -0.46 12.54 -18.53
C ALA A 43 -1.70 11.79 -18.07
N LEU A 44 -2.88 12.37 -18.24
CA LEU A 44 -4.08 11.68 -17.82
C LEU A 44 -4.19 10.35 -18.56
N PRO A 45 -4.36 9.23 -17.87
CA PRO A 45 -4.50 7.95 -18.57
C PRO A 45 -5.78 7.85 -19.36
N HIS A 46 -5.74 6.98 -20.37
CA HIS A 46 -6.91 6.75 -21.20
C HIS A 46 -8.00 6.05 -20.41
N ARG A 47 -9.25 6.32 -20.80
CA ARG A 47 -10.43 5.73 -20.16
C ARG A 47 -10.57 6.19 -18.71
N PHE A 48 -10.03 7.35 -18.38
CA PHE A 48 -10.24 7.91 -17.05
C PHE A 48 -11.68 8.41 -16.94
N ARG A 49 -12.37 7.97 -15.90
CA ARG A 49 -13.69 8.53 -15.60
C ARG A 49 -13.98 8.41 -14.11
N THR A 50 -14.76 9.35 -13.60
CA THR A 50 -15.32 9.23 -12.26
C THR A 50 -16.83 9.03 -12.36
N CYS A 51 -17.44 8.64 -11.24
CA CYS A 51 -18.89 8.50 -11.15
C CYS A 51 -19.63 9.82 -11.25
N PHE A 52 -18.93 10.94 -11.37
CA PHE A 52 -19.55 12.23 -11.64
C PHE A 52 -19.48 12.61 -13.11
N PHE A 53 -18.88 11.77 -13.97
CA PHE A 53 -18.69 12.14 -15.36
C PHE A 53 -20.05 12.19 -16.07
N PRO A 54 -20.15 13.01 -17.12
CA PRO A 54 -21.47 13.26 -17.71
C PRO A 54 -21.98 12.09 -18.54
N LEU A 55 -23.29 11.86 -18.44
CA LEU A 55 -24.05 11.00 -19.33
C LEU A 55 -25.04 11.89 -20.07
N THR A 56 -24.87 12.04 -21.38
CA THR A 56 -25.64 12.99 -22.17
C THR A 56 -26.54 12.25 -23.15
N ALA A 57 -27.81 12.62 -23.16
CA ALA A 57 -28.78 11.98 -24.04
C ALA A 57 -28.58 12.43 -25.49
N SER A 58 -28.68 11.48 -26.41
CA SER A 58 -28.68 11.74 -27.85
C SER A 58 -30.06 11.44 -28.41
N ASP A 59 -30.25 11.84 -29.67
CA ASP A 59 -31.54 11.62 -30.33
C ASP A 59 -31.94 10.15 -30.27
N GLY A 60 -31.12 9.29 -30.85
CA GLY A 60 -31.42 7.87 -30.91
C GLY A 60 -30.70 7.03 -29.89
N ALA A 61 -30.31 7.64 -28.76
CA ALA A 61 -29.57 6.92 -27.73
C ALA A 61 -29.90 7.55 -26.38
N ALA A 62 -30.77 6.89 -25.62
CA ALA A 62 -31.23 7.42 -24.36
C ALA A 62 -30.22 7.15 -23.24
N VAL A 63 -30.27 7.97 -22.21
CA VAL A 63 -29.36 7.83 -21.08
C VAL A 63 -29.93 6.78 -20.12
N PRO A 64 -29.13 5.85 -19.62
CA PRO A 64 -29.63 4.91 -18.61
C PRO A 64 -29.93 5.64 -17.30
N SER A 65 -30.49 4.88 -16.36
CA SER A 65 -30.84 5.46 -15.07
C SER A 65 -29.58 6.02 -14.40
N ARG A 66 -29.73 7.19 -13.78
CA ARG A 66 -28.65 7.83 -13.03
C ARG A 66 -28.79 7.60 -11.53
N GLU A 67 -29.83 6.91 -11.09
CA GLU A 67 -30.10 6.76 -9.67
C GLU A 67 -28.94 6.09 -8.94
N GLY A 68 -28.41 6.78 -7.93
CA GLY A 68 -27.36 6.22 -7.09
C GLY A 68 -25.97 6.24 -7.69
N LEU A 69 -25.79 6.81 -8.87
CA LEU A 69 -24.52 6.75 -9.57
C LEU A 69 -23.51 7.75 -9.00
N ASN A 70 -23.93 9.00 -8.80
CA ASN A 70 -22.99 10.03 -8.39
C ASN A 70 -22.40 9.77 -7.01
N GLY A 71 -23.14 9.10 -6.13
CA GLY A 71 -22.70 8.89 -4.75
C GLY A 71 -21.87 7.65 -4.49
N LEU A 72 -21.29 7.07 -5.55
CA LEU A 72 -20.60 5.79 -5.45
C LEU A 72 -19.16 5.91 -4.98
N ARG A 73 -18.58 7.09 -4.99
CA ARG A 73 -17.20 7.30 -4.53
C ARG A 73 -16.24 6.36 -5.26
N VAL A 74 -16.32 6.39 -6.59
CA VAL A 74 -15.52 5.46 -7.39
C VAL A 74 -15.10 6.15 -8.67
N SER A 75 -13.89 5.82 -9.14
CA SER A 75 -13.39 6.21 -10.45
C SER A 75 -12.55 5.07 -11.00
N GLY A 76 -12.16 5.18 -12.28
CA GLY A 76 -11.35 4.17 -12.92
C GLY A 76 -10.55 4.72 -14.07
N SER A 77 -9.54 3.95 -14.49
CA SER A 77 -8.73 4.34 -15.63
C SER A 77 -7.94 3.13 -16.12
N SER A 78 -7.27 3.34 -17.24
CA SER A 78 -6.21 2.44 -17.68
C SER A 78 -4.95 2.69 -16.85
N GLN A 79 -3.88 1.96 -17.17
CA GLN A 79 -2.61 2.16 -16.45
C GLN A 79 -2.04 3.54 -16.72
N PHE A 80 -1.55 4.16 -15.65
CA PHE A 80 -1.03 5.52 -15.68
C PHE A 80 0.50 5.48 -15.58
N SER A 81 1.14 6.50 -16.13
CA SER A 81 2.51 6.82 -15.80
C SER A 81 2.59 7.42 -14.39
N LEU A 82 3.81 7.63 -13.90
CA LEU A 82 3.94 8.28 -12.61
C LEU A 82 3.39 9.70 -12.67
N ALA A 83 3.66 10.41 -13.77
CA ALA A 83 3.13 11.76 -13.92
C ALA A 83 1.60 11.73 -13.99
N GLY A 84 1.04 10.72 -14.65
CA GLY A 84 -0.40 10.59 -14.69
C GLY A 84 -1.00 10.36 -13.32
N LEU A 85 -0.32 9.57 -12.49
CA LEU A 85 -0.80 9.36 -11.13
C LEU A 85 -0.75 10.66 -10.32
N ALA A 86 0.34 11.42 -10.48
CA ALA A 86 0.44 12.68 -9.75
C ALA A 86 -0.63 13.67 -10.22
N LEU A 87 -0.94 13.67 -11.53
CA LEU A 87 -2.01 14.55 -12.02
C LEU A 87 -3.36 14.16 -11.44
N MET A 88 -3.71 12.88 -11.52
CA MET A 88 -4.97 12.40 -10.94
C MET A 88 -5.08 12.75 -9.46
N ARG A 89 -3.96 12.69 -8.73
CA ARG A 89 -4.03 12.98 -7.30
C ARG A 89 -4.54 14.39 -7.05
N GLU A 90 -4.34 15.30 -8.00
CA GLU A 90 -4.80 16.69 -7.81
C GLU A 90 -6.31 16.75 -7.63
N GLN A 91 -7.05 15.77 -8.18
CA GLN A 91 -8.50 15.76 -8.06
C GLN A 91 -9.02 14.60 -7.23
N PHE A 92 -8.14 13.79 -6.60
CA PHE A 92 -8.62 12.74 -5.74
C PHE A 92 -9.11 13.34 -4.42
N PRO A 93 -10.20 12.84 -3.86
CA PRO A 93 -10.62 13.30 -2.54
C PRO A 93 -9.69 12.76 -1.46
N PRO A 94 -9.88 13.22 -0.23
CA PRO A 94 -9.10 12.67 0.87
C PRO A 94 -9.36 11.18 0.99
N ARG A 95 -8.34 10.47 1.43
CA ARG A 95 -8.48 9.06 1.77
C ARG A 95 -8.84 8.23 0.52
N ALA A 96 -8.16 8.50 -0.57
CA ALA A 96 -8.37 7.76 -1.82
C ALA A 96 -7.45 6.56 -1.87
N VAL A 97 -7.93 5.49 -2.50
CA VAL A 97 -7.22 4.22 -2.62
C VAL A 97 -7.10 3.87 -4.09
N ILE A 98 -5.88 3.58 -4.54
CA ILE A 98 -5.62 3.00 -5.84
C ILE A 98 -5.85 1.50 -5.73
N VAL A 99 -6.79 0.97 -6.52
CA VAL A 99 -7.08 -0.46 -6.50
C VAL A 99 -6.55 -1.01 -7.83
N ASP A 100 -5.45 -1.73 -7.72
CA ASP A 100 -4.71 -2.29 -8.84
C ASP A 100 -5.24 -3.70 -9.10
N LEU A 101 -5.84 -3.91 -10.25
CA LEU A 101 -6.54 -5.15 -10.55
C LEU A 101 -5.68 -6.10 -11.37
N ARG A 102 -4.40 -5.79 -11.57
CA ARG A 102 -3.59 -6.52 -12.55
C ARG A 102 -2.94 -7.74 -11.91
N ARG A 103 -3.28 -8.93 -12.43
CA ARG A 103 -2.58 -10.14 -12.00
C ARG A 103 -1.17 -10.19 -12.59
N GLU A 104 -0.98 -9.61 -13.77
CA GLU A 104 0.32 -9.55 -14.38
C GLU A 104 1.29 -8.69 -13.57
N SER A 105 2.55 -9.08 -13.59
CA SER A 105 3.61 -8.31 -12.95
C SER A 105 3.82 -7.00 -13.70
N HIS A 106 3.94 -5.89 -12.96
CA HIS A 106 4.09 -4.59 -13.60
C HIS A 106 4.64 -3.61 -12.58
N GLY A 107 5.03 -2.43 -13.07
CA GLY A 107 5.57 -1.40 -12.22
C GLY A 107 6.02 -0.21 -13.03
N PHE A 108 7.02 0.49 -12.54
CA PHE A 108 7.52 1.70 -13.18
C PHE A 108 9.03 1.63 -13.37
N LEU A 109 9.46 2.05 -14.56
CA LEU A 109 10.87 2.26 -14.88
C LEU A 109 11.02 3.74 -15.19
N GLY A 110 11.61 4.49 -14.26
CA GLY A 110 11.43 5.93 -14.32
C GLY A 110 9.95 6.23 -14.22
N GLY A 111 9.49 7.18 -15.02
CA GLY A 111 8.07 7.47 -15.09
C GLY A 111 7.26 6.51 -15.92
N ASN A 112 7.92 5.63 -16.69
CA ASN A 112 7.23 4.72 -17.58
C ASN A 112 6.55 3.60 -16.82
N ALA A 113 5.28 3.36 -17.13
CA ALA A 113 4.59 2.16 -16.65
C ALA A 113 4.93 1.00 -17.58
N VAL A 114 5.48 -0.08 -17.00
CA VAL A 114 5.92 -1.23 -17.78
C VAL A 114 5.33 -2.50 -17.18
N SER A 115 5.25 -3.56 -18.00
CA SER A 115 4.72 -4.82 -17.51
C SER A 115 5.38 -5.97 -18.26
N TRP A 116 5.23 -7.16 -17.70
CA TRP A 116 5.72 -8.40 -18.31
C TRP A 116 4.51 -9.14 -18.88
N ARG A 117 4.40 -9.16 -20.21
CA ARG A 117 3.21 -9.63 -20.89
C ARG A 117 3.43 -11.05 -21.41
N LEU A 118 2.69 -12.01 -20.85
CA LEU A 118 2.60 -13.36 -21.40
C LEU A 118 1.57 -13.37 -22.52
N PRO A 119 1.47 -14.47 -23.27
CA PRO A 119 0.44 -14.57 -24.31
C PRO A 119 -0.95 -14.32 -23.72
N ASP A 120 -1.73 -13.48 -24.40
CA ASP A 120 -3.03 -13.03 -23.93
C ASP A 120 -2.95 -12.22 -22.65
N ASN A 121 -1.74 -11.85 -22.22
CA ASN A 121 -1.53 -11.10 -20.98
C ASN A 121 -1.95 -11.93 -19.77
N GLN A 122 -1.65 -13.23 -19.78
CA GLN A 122 -2.00 -14.12 -18.68
C GLN A 122 -0.81 -14.33 -17.75
N GLY A 123 -0.19 -13.24 -17.30
CA GLY A 123 0.90 -13.36 -16.35
C GLY A 123 0.43 -13.92 -15.02
N ASN A 124 1.35 -14.56 -14.31
CA ASN A 124 1.12 -15.14 -12.99
C ASN A 124 -0.22 -15.87 -12.95
N PRO A 125 -0.44 -16.84 -13.85
CA PRO A 125 -1.76 -17.48 -13.96
C PRO A 125 -2.18 -18.11 -12.64
N GLY A 126 -3.40 -17.77 -12.21
CA GLY A 126 -3.98 -18.35 -11.01
C GLY A 126 -3.38 -17.89 -9.70
N ARG A 127 -2.43 -16.95 -9.72
CA ARG A 127 -1.72 -16.56 -8.51
C ARG A 127 -2.40 -15.36 -7.85
N ASP A 128 -2.34 -15.33 -6.52
CA ASP A 128 -2.97 -14.27 -5.75
C ASP A 128 -2.02 -13.08 -5.59
N ALA A 129 -2.55 -11.99 -5.02
CA ALA A 129 -1.81 -10.73 -4.98
C ALA A 129 -0.51 -10.84 -4.19
N ALA A 130 -0.48 -11.68 -3.14
CA ALA A 130 0.74 -11.80 -2.35
C ALA A 130 1.88 -12.38 -3.18
N PHE A 131 1.58 -13.42 -3.96
CA PHE A 131 2.60 -13.98 -4.85
C PHE A 131 2.99 -12.98 -5.92
N VAL A 132 2.00 -12.31 -6.52
CA VAL A 132 2.29 -11.37 -7.60
C VAL A 132 3.22 -10.27 -7.10
N ALA A 133 2.99 -9.77 -5.89
CA ALA A 133 3.81 -8.66 -5.38
C ALA A 133 5.28 -9.05 -5.30
N GLU A 134 5.57 -10.25 -4.81
N GLU A 134 5.57 -10.26 -4.82
CA GLU A 134 6.97 -10.67 -4.68
CA GLU A 134 6.95 -10.69 -4.66
C GLU A 134 7.59 -10.98 -6.03
C GLU A 134 7.59 -11.01 -6.01
N ALA A 135 6.86 -11.71 -6.88
CA ALA A 135 7.36 -11.99 -8.22
C ALA A 135 7.68 -10.71 -8.96
N GLU A 136 6.76 -9.75 -8.90
CA GLU A 136 6.97 -8.51 -9.63
C GLU A 136 8.08 -7.68 -8.98
N ALA A 137 8.21 -7.71 -7.66
CA ALA A 137 9.30 -7.02 -7.01
C ALA A 137 10.66 -7.57 -7.47
N ALA A 138 10.73 -8.89 -7.71
CA ALA A 138 11.98 -9.48 -8.14
C ALA A 138 12.32 -9.07 -9.56
N LEU A 139 11.32 -8.96 -10.42
CA LEU A 139 11.55 -8.54 -11.80
C LEU A 139 11.93 -7.06 -11.87
N LEU A 140 11.26 -6.21 -11.07
CA LEU A 140 11.59 -4.80 -11.04
C LEU A 140 12.99 -4.56 -10.49
N ALA A 141 13.38 -5.32 -9.46
CA ALA A 141 14.70 -5.18 -8.87
C ALA A 141 15.80 -5.50 -9.88
N ALA A 142 15.51 -6.37 -10.85
CA ALA A 142 16.49 -6.77 -11.84
C ALA A 142 16.73 -5.71 -12.90
N ILE A 143 15.77 -4.81 -13.14
CA ILE A 143 15.93 -3.75 -14.13
C ILE A 143 16.21 -2.41 -13.47
N ASP A 144 16.24 -2.36 -12.15
CA ASP A 144 16.44 -1.12 -11.39
C ASP A 144 17.83 -0.56 -11.66
N GLU A 145 17.88 0.63 -12.28
CA GLU A 145 19.12 1.36 -12.52
C GLU A 145 20.10 0.59 -13.41
N ARG A 146 19.57 -0.23 -14.33
CA ARG A 146 20.44 -0.90 -15.28
C ARG A 146 20.36 -0.19 -16.62
N PRO A 147 21.48 0.13 -17.27
CA PRO A 147 21.39 0.69 -18.62
C PRO A 147 20.91 -0.34 -19.62
N ASP A 148 20.43 0.15 -20.76
CA ASP A 148 20.10 -0.68 -21.91
C ASP A 148 19.06 -1.74 -21.57
N ILE A 149 17.97 -1.31 -20.94
CA ILE A 149 16.80 -2.16 -20.77
C ILE A 149 15.91 -1.95 -22.00
N VAL A 150 15.64 -3.03 -22.71
CA VAL A 150 14.84 -2.96 -23.93
C VAL A 150 13.40 -3.27 -23.58
N VAL A 151 12.49 -2.36 -23.95
CA VAL A 151 11.08 -2.44 -23.60
C VAL A 151 10.28 -2.54 -24.89
N ALA A 152 9.57 -3.64 -25.05
CA ALA A 152 8.74 -3.81 -26.23
C ALA A 152 7.61 -2.79 -26.24
N ARG A 153 7.23 -2.36 -27.43
CA ARG A 153 6.11 -1.44 -27.63
C ARG A 153 5.13 -2.09 -28.60
N GLU A 154 3.91 -2.31 -28.14
CA GLU A 154 2.85 -2.76 -29.03
C GLU A 154 2.61 -1.70 -30.11
N ALA A 155 2.11 -2.15 -31.26
CA ALA A 155 1.80 -1.22 -32.34
C ALA A 155 0.84 -0.14 -31.85
N ARG A 156 -0.12 -0.50 -31.00
CA ARG A 156 -1.11 0.46 -30.52
C ARG A 156 -0.52 1.50 -29.57
N ARG A 157 0.69 1.28 -29.07
CA ARG A 157 1.31 2.18 -28.09
C ARG A 157 2.62 2.76 -28.63
N GLY A 158 2.65 3.10 -29.91
CA GLY A 158 3.80 3.76 -30.50
C GLY A 158 4.88 2.84 -31.03
N GLY A 159 4.61 1.55 -31.16
CA GLY A 159 5.59 0.61 -31.66
C GLY A 159 5.54 0.48 -33.17
N PRO A 160 6.03 -0.65 -33.71
CA PRO A 160 6.57 -1.81 -33.01
C PRO A 160 8.03 -1.67 -32.57
N THR A 161 8.66 -0.55 -32.90
CA THR A 161 10.04 -0.33 -32.53
C THR A 161 10.16 -0.26 -31.00
N PRO A 162 10.97 -1.11 -30.37
CA PRO A 162 11.07 -1.08 -28.91
C PRO A 162 11.79 0.17 -28.43
N LEU A 163 11.71 0.39 -27.12
CA LEU A 163 12.45 1.44 -26.44
C LEU A 163 13.63 0.85 -25.70
N THR A 164 14.73 1.60 -25.65
CA THR A 164 15.88 1.27 -24.82
C THR A 164 15.97 2.32 -23.72
N LEU A 165 15.84 1.88 -22.47
CA LEU A 165 15.73 2.79 -21.34
C LEU A 165 16.76 2.41 -20.28
N GLY A 166 17.11 3.39 -19.46
CA GLY A 166 17.97 3.16 -18.33
C GLY A 166 19.31 3.87 -18.44
N PRO A 167 20.01 4.03 -17.31
CA PRO A 167 19.60 3.55 -15.99
C PRO A 167 18.52 4.42 -15.35
N LEU A 168 17.38 3.80 -15.04
CA LEU A 168 16.28 4.51 -14.37
C LEU A 168 15.88 3.76 -13.11
N PRO A 169 15.30 4.46 -12.15
CA PRO A 169 14.82 3.77 -10.94
C PRO A 169 13.57 2.97 -11.23
N ALA A 170 13.53 1.76 -10.70
CA ALA A 170 12.38 0.86 -10.82
C ALA A 170 11.67 0.79 -9.47
N VAL A 171 10.36 1.06 -9.48
CA VAL A 171 9.55 1.01 -8.26
C VAL A 171 8.25 0.30 -8.57
N SER A 172 7.68 -0.33 -7.54
CA SER A 172 6.35 -0.89 -7.64
C SER A 172 5.31 0.24 -7.58
N GLU A 173 4.13 -0.06 -8.09
CA GLU A 173 3.02 0.88 -7.95
C GLU A 173 2.66 1.08 -6.48
N ALA A 174 2.84 0.04 -5.66
CA ALA A 174 2.62 0.20 -4.24
C ALA A 174 3.49 1.32 -3.67
N GLN A 175 4.76 1.37 -4.08
CA GLN A 175 5.61 2.45 -3.59
C GLN A 175 5.22 3.80 -4.21
N ALA A 176 4.87 3.80 -5.51
CA ALA A 176 4.44 5.03 -6.15
C ALA A 176 3.24 5.63 -5.44
N ALA A 177 2.24 4.80 -5.12
CA ALA A 177 1.08 5.30 -4.42
C ALA A 177 1.46 5.84 -3.04
N ALA A 178 2.29 5.08 -2.30
CA ALA A 178 2.71 5.52 -0.98
C ALA A 178 3.43 6.85 -1.05
N SER A 179 4.26 7.05 -2.08
CA SER A 179 5.02 8.29 -2.17
C SER A 179 4.13 9.50 -2.38
N LEU A 180 2.88 9.29 -2.76
CA LEU A 180 1.90 10.37 -2.92
C LEU A 180 0.88 10.44 -1.80
N GLY A 181 1.06 9.63 -0.74
CA GLY A 181 0.06 9.58 0.32
C GLY A 181 -1.27 8.97 -0.05
N LEU A 182 -1.26 8.01 -0.98
CA LEU A 182 -2.47 7.36 -1.45
C LEU A 182 -2.49 5.91 -0.98
N GLY A 183 -3.69 5.41 -0.66
CA GLY A 183 -3.84 4.01 -0.35
C GLY A 183 -3.61 3.15 -1.58
N TYR A 184 -3.34 1.86 -1.32
CA TYR A 184 -3.05 0.93 -2.40
C TYR A 184 -3.55 -0.45 -2.03
N LEU A 185 -4.37 -1.04 -2.90
CA LEU A 185 -4.86 -2.41 -2.72
C LEU A 185 -4.59 -3.16 -4.02
N ARG A 186 -4.03 -4.36 -3.91
CA ARG A 186 -3.80 -5.21 -5.07
C ARG A 186 -4.77 -6.37 -5.07
N LEU A 187 -5.44 -6.57 -6.19
CA LEU A 187 -6.35 -7.70 -6.42
C LEU A 187 -5.97 -8.33 -7.76
N ALA A 188 -5.62 -9.60 -7.75
CA ALA A 188 -5.10 -10.25 -8.95
C ALA A 188 -6.24 -10.77 -9.81
N VAL A 189 -6.49 -10.08 -10.93
CA VAL A 189 -7.53 -10.49 -11.87
C VAL A 189 -6.87 -10.68 -13.23
N SER A 190 -7.08 -11.85 -13.83
CA SER A 190 -6.53 -12.12 -15.15
C SER A 190 -7.23 -11.26 -16.20
N ASP A 191 -6.43 -10.69 -17.11
CA ASP A 191 -6.97 -9.90 -18.20
C ASP A 191 -8.01 -10.69 -18.98
N HIS A 192 -9.04 -9.99 -19.43
CA HIS A 192 -10.11 -10.54 -20.25
C HIS A 192 -10.96 -11.56 -19.51
N THR A 193 -10.83 -11.64 -18.18
CA THR A 193 -11.50 -12.65 -17.38
C THR A 193 -12.25 -12.00 -16.23
N ARG A 194 -13.24 -12.71 -15.72
CA ARG A 194 -13.90 -12.33 -14.48
C ARG A 194 -12.98 -12.56 -13.29
N PRO A 195 -13.22 -11.88 -12.18
CA PRO A 195 -12.45 -12.15 -10.96
C PRO A 195 -12.80 -13.52 -10.38
N ASP A 196 -11.78 -14.17 -9.81
CA ASP A 196 -12.01 -15.41 -9.09
C ASP A 196 -12.91 -15.16 -7.90
N ASP A 197 -13.62 -16.22 -7.48
CA ASP A 197 -14.49 -16.11 -6.32
C ASP A 197 -13.73 -15.63 -5.09
N ALA A 198 -12.46 -16.05 -4.94
CA ALA A 198 -11.68 -15.62 -3.78
C ALA A 198 -11.40 -14.12 -3.85
N VAL A 199 -11.18 -13.58 -5.05
CA VAL A 199 -10.98 -12.15 -5.19
C VAL A 199 -12.28 -11.40 -4.92
N VAL A 200 -13.40 -11.90 -5.43
CA VAL A 200 -14.69 -11.25 -5.18
C VAL A 200 -14.98 -11.23 -3.68
N GLU A 201 -14.71 -12.34 -2.99
CA GLU A 201 -14.91 -12.39 -1.54
C GLU A 201 -14.05 -11.35 -0.84
N ARG A 202 -12.76 -11.30 -1.19
CA ARG A 202 -11.88 -10.33 -0.56
C ARG A 202 -12.34 -8.91 -0.86
N PHE A 203 -12.84 -8.67 -2.07
CA PHE A 203 -13.23 -7.31 -2.41
C PHE A 203 -14.49 -6.89 -1.66
N VAL A 204 -15.46 -7.80 -1.54
CA VAL A 204 -16.69 -7.46 -0.81
C VAL A 204 -16.36 -7.18 0.65
N ARG A 205 -15.51 -8.01 1.26
CA ARG A 205 -15.09 -7.77 2.63
C ARG A 205 -14.36 -6.44 2.74
N PHE A 206 -13.51 -6.13 1.76
CA PHE A 206 -12.82 -4.84 1.75
C PHE A 206 -13.80 -3.70 1.65
N SER A 207 -14.75 -3.80 0.71
CA SER A 207 -15.79 -2.77 0.57
C SER A 207 -16.52 -2.55 1.89
N ARG A 208 -16.87 -3.65 2.59
CA ARG A 208 -17.59 -3.52 3.85
C ARG A 208 -16.73 -2.85 4.93
N SER A 209 -15.41 -3.02 4.87
CA SER A 209 -14.54 -2.47 5.90
C SER A 209 -14.32 -0.97 5.74
N LEU A 210 -14.70 -0.39 4.62
CA LEU A 210 -14.34 0.99 4.35
C LEU A 210 -15.15 1.94 5.21
N PRO A 211 -14.53 2.94 5.82
CA PRO A 211 -15.30 4.08 6.34
C PRO A 211 -15.99 4.80 5.21
N PRO A 212 -17.03 5.59 5.52
CA PRO A 212 -17.84 6.17 4.45
C PRO A 212 -17.10 7.15 3.55
N ASP A 213 -15.96 7.68 3.97
CA ASP A 213 -15.30 8.73 3.22
C ASP A 213 -14.22 8.20 2.25
N VAL A 214 -13.99 6.90 2.20
CA VAL A 214 -12.91 6.35 1.36
C VAL A 214 -13.37 6.27 -0.09
N TRP A 215 -12.54 6.77 -0.99
CA TRP A 215 -12.75 6.77 -2.42
C TRP A 215 -11.87 5.69 -3.07
N LEU A 216 -12.44 4.94 -4.01
CA LEU A 216 -11.70 3.89 -4.70
C LEU A 216 -11.48 4.30 -6.15
N HIS A 217 -10.22 4.26 -6.58
CA HIS A 217 -9.89 4.42 -8.00
C HIS A 217 -9.34 3.08 -8.52
N PHE A 218 -10.11 2.45 -9.38
CA PHE A 218 -9.73 1.17 -9.97
C PHE A 218 -8.90 1.39 -11.23
N HIS A 219 -7.96 0.48 -11.47
CA HIS A 219 -7.34 0.48 -12.79
C HIS A 219 -6.82 -0.92 -13.10
N CYS A 220 -6.69 -1.17 -14.40
CA CYS A 220 -6.08 -2.39 -14.90
C CYS A 220 -5.03 -1.98 -15.93
N ARG A 221 -4.91 -2.72 -17.04
CA ARG A 221 -4.03 -2.23 -18.08
C ARG A 221 -4.72 -1.24 -18.97
N GLY A 222 -5.90 -1.61 -19.51
CA GLY A 222 -6.57 -0.79 -20.50
C GLY A 222 -7.73 0.03 -19.97
N GLY A 223 -8.14 -0.20 -18.73
CA GLY A 223 -9.29 0.50 -18.20
C GLY A 223 -10.61 0.00 -18.72
N ALA A 224 -10.62 -1.13 -19.42
CA ALA A 224 -11.83 -1.65 -20.02
C ALA A 224 -12.43 -2.77 -19.17
N GLY A 225 -12.21 -4.03 -19.57
CA GLY A 225 -12.95 -5.13 -18.97
C GLY A 225 -12.82 -5.21 -17.45
N ARG A 226 -11.60 -5.17 -16.93
CA ARG A 226 -11.42 -5.40 -15.51
C ARG A 226 -11.86 -4.18 -14.69
N THR A 227 -11.37 -2.99 -15.04
CA THR A 227 -11.81 -1.79 -14.33
C THR A 227 -13.33 -1.65 -14.41
N THR A 228 -13.89 -1.85 -15.60
CA THR A 228 -15.33 -1.65 -15.73
C THR A 228 -16.11 -2.69 -14.91
N THR A 229 -15.61 -3.93 -14.87
CA THR A 229 -16.25 -4.94 -14.04
C THR A 229 -16.32 -4.50 -12.59
N PHE A 230 -15.21 -4.02 -12.04
CA PHE A 230 -15.19 -3.71 -10.61
C PHE A 230 -15.94 -2.43 -10.29
N MET A 231 -15.92 -1.43 -11.17
CA MET A 231 -16.80 -0.29 -10.98
C MET A 231 -18.25 -0.73 -10.99
N THR A 232 -18.59 -1.72 -11.83
CA THR A 232 -19.94 -2.28 -11.82
C THR A 232 -20.23 -3.00 -10.51
N LEU A 233 -19.26 -3.71 -9.95
CA LEU A 233 -19.46 -4.36 -8.66
C LEU A 233 -19.75 -3.35 -7.56
N VAL A 234 -19.02 -2.23 -7.57
CA VAL A 234 -19.28 -1.16 -6.60
C VAL A 234 -20.68 -0.59 -6.81
N ASP A 235 -21.05 -0.35 -8.06
CA ASP A 235 -22.40 0.10 -8.39
C ASP A 235 -23.45 -0.83 -7.82
N MET A 236 -23.31 -2.14 -8.08
CA MET A 236 -24.31 -3.10 -7.62
C MET A 236 -24.37 -3.18 -6.10
N LEU A 237 -23.21 -3.13 -5.43
CA LEU A 237 -23.21 -3.22 -3.98
C LEU A 237 -24.05 -2.13 -3.34
N ARG A 238 -24.16 -0.98 -3.99
CA ARG A 238 -25.00 0.11 -3.47
C ARG A 238 -26.39 0.12 -4.06
N ASN A 239 -26.55 -0.22 -5.34
CA ASN A 239 -27.75 0.13 -6.09
C ASN A 239 -28.52 -1.05 -6.66
N ALA A 240 -28.00 -2.26 -6.57
CA ALA A 240 -28.71 -3.41 -7.13
C ALA A 240 -30.16 -3.51 -6.66
N PRO A 241 -30.49 -3.27 -5.39
CA PRO A 241 -31.90 -3.38 -4.98
C PRO A 241 -32.83 -2.39 -5.66
N SER A 242 -32.31 -1.27 -6.19
CA SER A 242 -33.15 -0.20 -6.70
C SER A 242 -32.90 0.20 -8.14
N VAL A 243 -31.90 -0.39 -8.81
CA VAL A 243 -31.57 -0.04 -10.19
C VAL A 243 -31.47 -1.31 -11.02
N ALA A 244 -31.98 -1.24 -12.24
CA ALA A 244 -32.04 -2.42 -13.11
C ALA A 244 -30.65 -2.84 -13.57
N PHE A 245 -30.47 -4.15 -13.69
CA PHE A 245 -29.17 -4.71 -14.10
C PHE A 245 -28.67 -4.06 -15.38
N GLU A 246 -29.53 -3.99 -16.41
CA GLU A 246 -29.06 -3.49 -17.70
C GLU A 246 -28.69 -2.01 -17.63
N ASP A 247 -29.34 -1.26 -16.73
CA ASP A 247 -29.01 0.16 -16.58
C ASP A 247 -27.64 0.34 -15.91
N ILE A 248 -27.30 -0.52 -14.97
CA ILE A 248 -25.98 -0.43 -14.34
C ILE A 248 -24.89 -0.73 -15.36
N ILE A 249 -25.07 -1.80 -16.15
CA ILE A 249 -24.11 -2.13 -17.20
C ILE A 249 -24.02 -0.99 -18.20
N ALA A 250 -25.16 -0.46 -18.62
CA ALA A 250 -25.18 0.59 -19.61
C ALA A 250 -24.48 1.85 -19.12
N ARG A 251 -24.71 2.24 -17.85
CA ARG A 251 -24.15 3.51 -17.41
C ARG A 251 -22.65 3.42 -17.16
N GLN A 252 -22.14 2.28 -16.73
CA GLN A 252 -20.68 2.14 -16.62
C GLN A 252 -20.01 2.26 -17.97
N LYS A 253 -20.65 1.80 -19.04
CA LYS A 253 -20.13 2.05 -20.38
C LYS A 253 -20.21 3.53 -20.71
N ALA A 254 -21.36 4.16 -20.46
CA ALA A 254 -21.56 5.54 -20.84
C ALA A 254 -20.63 6.49 -20.07
N LEU A 255 -20.23 6.11 -18.85
CA LEU A 255 -19.28 6.93 -18.12
C LEU A 255 -17.90 6.96 -18.78
N GLY A 256 -17.58 5.94 -19.58
CA GLY A 256 -16.31 5.84 -20.25
C GLY A 256 -15.70 4.46 -20.15
N GLY A 257 -16.39 3.54 -19.50
CA GLY A 257 -15.95 2.18 -19.41
C GLY A 257 -16.21 1.43 -20.70
N SER A 258 -15.92 0.14 -20.67
CA SER A 258 -16.23 -0.72 -21.81
C SER A 258 -17.66 -1.24 -21.68
N ASP A 259 -18.15 -1.86 -22.76
CA ASP A 259 -19.48 -2.45 -22.78
C ASP A 259 -19.36 -3.90 -22.37
N LEU A 260 -19.75 -4.22 -21.14
CA LEU A 260 -19.63 -5.57 -20.62
C LEU A 260 -20.64 -6.54 -21.24
N ALA A 261 -21.62 -6.02 -21.99
CA ALA A 261 -22.59 -6.85 -22.69
C ALA A 261 -22.32 -6.94 -24.19
N LYS A 262 -21.45 -6.10 -24.73
CA LYS A 262 -21.18 -6.10 -26.16
C LYS A 262 -20.61 -7.44 -26.60
N THR A 263 -20.83 -7.76 -27.88
CA THR A 263 -20.18 -8.88 -28.53
C THR A 263 -19.76 -8.43 -29.93
N SER A 264 -18.89 -9.22 -30.55
CA SER A 264 -18.54 -8.99 -31.94
C SER A 264 -19.72 -9.38 -32.84
N ASP A 265 -19.56 -9.16 -34.14
CA ASP A 265 -20.51 -9.62 -35.13
C ASP A 265 -20.27 -11.06 -35.55
N GLY A 266 -19.54 -11.83 -34.73
CA GLY A 266 -19.12 -13.18 -35.06
C GLY A 266 -17.66 -13.32 -35.39
N SER A 267 -16.92 -12.20 -35.46
CA SER A 267 -15.52 -12.25 -35.87
C SER A 267 -14.63 -12.88 -34.80
N ALA A 268 -15.04 -12.80 -33.53
CA ALA A 268 -14.26 -13.33 -32.42
C ALA A 268 -15.19 -14.12 -31.49
N PRO A 269 -15.51 -15.36 -31.85
CA PRO A 269 -16.39 -16.15 -30.95
C PRO A 269 -15.74 -16.44 -29.61
N GLY A 270 -14.42 -16.65 -29.58
CA GLY A 270 -13.76 -16.89 -28.30
C GLY A 270 -13.84 -15.69 -27.38
N ARG A 271 -13.45 -14.52 -27.89
CA ARG A 271 -13.57 -13.30 -27.09
C ARG A 271 -15.02 -13.05 -26.70
N ASP A 272 -15.96 -13.31 -27.61
CA ASP A 272 -17.38 -13.19 -27.27
C ASP A 272 -17.80 -14.23 -26.25
N ALA A 273 -17.37 -15.47 -26.45
N ALA A 273 -17.28 -15.45 -26.37
CA ALA A 273 -17.72 -16.58 -25.56
CA ALA A 273 -17.62 -16.48 -25.40
C ALA A 273 -16.78 -16.64 -24.35
C ALA A 273 -17.10 -16.15 -24.01
N LEU A 274 -16.26 -15.47 -23.99
N LEU A 274 -15.96 -15.46 -23.91
CA LEU A 274 -15.44 -15.21 -22.80
CA LEU A 274 -15.40 -15.24 -22.59
C LEU A 274 -16.05 -14.12 -21.94
C LEU A 274 -16.08 -14.08 -21.86
N ALA A 275 -16.57 -13.06 -22.58
CA ALA A 275 -17.44 -12.10 -21.93
C ALA A 275 -18.74 -12.76 -21.47
N ARG A 276 -19.06 -13.92 -22.04
N ARG A 276 -19.10 -13.92 -22.02
CA ARG A 276 -20.22 -14.68 -21.62
CA ARG A 276 -20.31 -14.60 -21.58
C ARG A 276 -20.13 -15.08 -20.15
C ARG A 276 -20.19 -15.02 -20.12
N GLN A 277 -19.04 -15.76 -19.77
N GLN A 277 -19.11 -15.73 -19.76
CA GLN A 277 -18.87 -16.17 -18.38
CA GLN A 277 -18.95 -16.15 -18.38
C GLN A 277 -18.82 -14.97 -17.45
C GLN A 277 -18.83 -14.96 -17.45
N ARG A 278 -18.26 -13.85 -17.93
CA ARG A 278 -18.18 -12.65 -17.10
C ARG A 278 -19.56 -12.04 -16.91
N LEU A 279 -20.38 -12.04 -17.95
CA LEU A 279 -21.72 -11.48 -17.82
C LEU A 279 -22.61 -12.36 -16.95
N GLU A 280 -22.48 -13.68 -17.08
CA GLU A 280 -23.15 -14.58 -16.15
C GLU A 280 -22.75 -14.29 -14.71
N PHE A 281 -21.46 -14.06 -14.48
CA PHE A 281 -21.02 -13.71 -13.14
C PHE A 281 -21.66 -12.40 -12.68
N LEU A 282 -21.69 -11.40 -13.55
CA LEU A 282 -22.23 -10.10 -13.15
C LEU A 282 -23.70 -10.19 -12.79
N ARG A 283 -24.46 -11.07 -13.46
CA ARG A 283 -25.84 -11.24 -13.05
C ARG A 283 -25.94 -12.06 -11.77
N ARG A 284 -25.05 -13.03 -11.59
CA ARG A 284 -24.99 -13.74 -10.32
C ARG A 284 -24.67 -12.78 -9.18
N PHE A 285 -23.79 -11.81 -9.44
CA PHE A 285 -23.45 -10.82 -8.42
C PHE A 285 -24.61 -9.87 -8.17
N TYR A 286 -25.24 -9.38 -9.24
CA TYR A 286 -26.42 -8.52 -9.12
C TYR A 286 -27.48 -9.16 -8.23
N GLU A 287 -27.75 -10.46 -8.44
CA GLU A 287 -28.69 -11.16 -7.57
C GLU A 287 -28.19 -11.19 -6.13
N TYR A 288 -26.90 -11.45 -5.94
CA TYR A 288 -26.33 -11.48 -4.59
C TYR A 288 -26.45 -10.13 -3.91
N ALA A 289 -26.19 -9.05 -4.63
CA ALA A 289 -26.26 -7.71 -4.04
C ALA A 289 -27.70 -7.29 -3.76
N ARG A 290 -28.68 -7.95 -4.37
CA ARG A 290 -30.07 -7.72 -4.02
C ARG A 290 -30.45 -8.48 -2.76
N ALA A 291 -29.94 -9.70 -2.60
CA ALA A 291 -30.16 -10.47 -1.39
C ALA A 291 -29.30 -9.98 -0.22
N ASN A 292 -28.17 -9.33 -0.50
CA ASN A 292 -27.24 -8.89 0.54
C ASN A 292 -26.78 -7.47 0.23
N PRO A 293 -27.65 -6.49 0.39
CA PRO A 293 -27.28 -5.10 0.07
C PRO A 293 -26.00 -4.68 0.79
N GLY A 294 -25.07 -4.11 0.03
CA GLY A 294 -23.79 -3.71 0.58
C GLY A 294 -22.89 -4.83 0.99
N GLY A 295 -23.27 -6.08 0.73
CA GLY A 295 -22.47 -7.22 1.10
C GLY A 295 -22.85 -7.89 2.40
N ALA A 296 -24.06 -7.65 2.90
CA ALA A 296 -24.51 -8.20 4.17
C ALA A 296 -25.99 -8.53 4.06
N PRO A 297 -26.48 -9.50 4.85
CA PRO A 297 -25.80 -10.26 5.92
C PRO A 297 -24.78 -11.30 5.46
N LEU A 298 -24.90 -11.81 4.24
CA LEU A 298 -24.03 -12.87 3.76
C LEU A 298 -22.96 -12.32 2.83
N GLY A 299 -21.77 -12.92 2.91
CA GLY A 299 -20.73 -12.64 1.94
C GLY A 299 -20.89 -13.46 0.67
N TRP A 300 -20.05 -13.15 -0.31
CA TRP A 300 -20.12 -13.81 -1.61
C TRP A 300 -20.01 -15.33 -1.47
N THR A 301 -18.96 -15.81 -0.81
CA THR A 301 -18.75 -17.25 -0.67
C THR A 301 -19.94 -17.91 0.00
N ALA A 302 -20.37 -17.38 1.14
CA ALA A 302 -21.50 -17.97 1.86
C ALA A 302 -22.74 -18.04 0.98
N TRP A 303 -23.10 -16.92 0.34
CA TRP A 303 -24.28 -16.90 -0.51
C TRP A 303 -24.22 -18.00 -1.57
N LEU A 304 -23.06 -18.14 -2.20
CA LEU A 304 -22.91 -19.20 -3.21
C LEU A 304 -23.14 -20.58 -2.60
N ALA A 305 -22.64 -20.80 -1.39
CA ALA A 305 -22.83 -22.09 -0.74
C ALA A 305 -24.31 -22.36 -0.46
N GLY A 306 -25.02 -21.36 0.04
CA GLY A 306 -26.43 -21.50 0.34
C GLY A 306 -27.24 -21.92 -0.87
N VAL B 31 9.69 -20.94 12.64
CA VAL B 31 8.95 -19.69 12.64
C VAL B 31 8.90 -19.10 14.04
N GLY B 32 8.53 -17.83 14.14
CA GLY B 32 8.56 -17.17 15.41
C GLY B 32 7.40 -17.56 16.32
N VAL B 33 7.56 -17.22 17.60
CA VAL B 33 6.49 -17.34 18.58
C VAL B 33 5.42 -16.31 18.24
N LEU B 34 4.19 -16.78 18.02
CA LEU B 34 3.07 -15.87 17.78
C LEU B 34 2.79 -15.10 19.07
N THR B 35 3.00 -13.79 19.02
CA THR B 35 2.96 -12.95 20.22
C THR B 35 2.04 -11.75 19.97
N LEU B 36 1.46 -11.26 21.05
CA LEU B 36 0.58 -10.10 20.97
C LEU B 36 1.42 -8.83 20.99
N ASP B 37 1.14 -7.92 20.05
CA ASP B 37 1.73 -6.58 20.09
C ASP B 37 0.79 -5.58 20.75
N ALA B 38 -0.49 -5.67 20.43
CA ALA B 38 -1.48 -4.74 20.97
C ALA B 38 -2.84 -5.41 20.96
N PRO B 39 -3.55 -5.45 22.10
CA PRO B 39 -4.90 -6.03 22.10
C PRO B 39 -5.87 -5.18 21.29
N ALA B 40 -6.88 -5.85 20.75
CA ALA B 40 -7.89 -5.14 19.97
C ALA B 40 -8.53 -4.00 20.75
N ALA B 41 -8.65 -4.16 22.07
CA ALA B 41 -9.29 -3.14 22.90
C ALA B 41 -8.42 -1.89 23.08
N SER B 42 -7.13 -1.95 22.75
CA SER B 42 -6.29 -0.78 22.91
C SER B 42 -6.65 0.27 21.87
N ALA B 43 -6.56 1.52 22.28
CA ALA B 43 -6.89 2.64 21.41
C ALA B 43 -5.61 3.33 20.95
N LEU B 44 -5.34 4.53 21.42
CA LEU B 44 -4.14 5.23 21.00
C LEU B 44 -2.91 4.40 21.40
N PRO B 45 -2.02 4.08 20.48
CA PRO B 45 -0.83 3.30 20.84
C PRO B 45 0.12 4.08 21.71
N HIS B 46 0.92 3.34 22.47
CA HIS B 46 1.89 3.96 23.36
C HIS B 46 3.00 4.63 22.56
N ARG B 47 3.61 5.63 23.19
CA ARG B 47 4.67 6.43 22.57
C ARG B 47 4.17 7.13 21.29
N PHE B 48 2.89 7.43 21.24
CA PHE B 48 2.38 8.25 20.14
C PHE B 48 2.84 9.69 20.33
N ARG B 49 3.44 10.26 19.29
CA ARG B 49 3.76 11.69 19.30
C ARG B 49 3.85 12.20 17.88
N THR B 50 3.57 13.49 17.70
CA THR B 50 3.81 14.19 16.45
C THR B 50 4.88 15.25 16.67
N CYS B 51 5.42 15.77 15.57
CA CYS B 51 6.40 16.85 15.65
C CYS B 51 5.83 18.14 16.20
N PHE B 52 4.53 18.19 16.49
CA PHE B 52 3.90 19.33 17.16
C PHE B 52 3.75 19.14 18.66
N PHE B 53 4.17 17.98 19.20
CA PHE B 53 3.91 17.70 20.60
C PHE B 53 4.81 18.58 21.48
N PRO B 54 4.39 18.83 22.71
CA PRO B 54 5.15 19.75 23.58
C PRO B 54 6.44 19.13 24.08
N LEU B 55 7.45 19.97 24.25
CA LEU B 55 8.72 19.56 24.86
C LEU B 55 8.73 19.91 26.35
N THR B 56 8.80 21.21 26.66
CA THR B 56 8.62 21.74 28.01
C THR B 56 9.89 21.66 28.85
N ALA B 57 10.23 22.76 29.52
CA ALA B 57 11.46 22.86 30.30
C ALA B 57 11.24 22.43 31.74
N SER B 58 12.12 21.56 32.23
CA SER B 58 12.18 21.21 33.64
C SER B 58 13.31 21.99 34.30
N ASP B 59 13.30 22.00 35.64
CA ASP B 59 14.31 22.75 36.38
C ASP B 59 15.72 22.26 36.04
N GLY B 60 15.94 20.95 36.13
CA GLY B 60 17.26 20.40 35.89
C GLY B 60 17.39 19.66 34.57
N ALA B 61 16.59 20.06 33.57
CA ALA B 61 16.66 19.43 32.25
C ALA B 61 16.16 20.45 31.23
N ALA B 62 17.09 21.10 30.56
CA ALA B 62 16.76 22.16 29.62
C ALA B 62 16.08 21.60 28.37
N VAL B 63 15.38 22.48 27.66
CA VAL B 63 14.73 22.13 26.41
C VAL B 63 15.72 22.28 25.27
N PRO B 64 15.85 21.30 24.38
CA PRO B 64 16.75 21.48 23.23
C PRO B 64 16.18 22.46 22.22
N SER B 65 16.94 22.77 21.18
CA SER B 65 16.44 23.69 20.16
C SER B 65 15.18 23.12 19.51
N ARG B 66 14.21 23.99 19.27
CA ARG B 66 12.99 23.65 18.54
C ARG B 66 13.05 24.04 17.08
N GLU B 67 14.15 24.63 16.62
CA GLU B 67 14.24 25.14 15.27
C GLU B 67 13.99 24.03 14.25
N GLY B 68 13.03 24.27 13.35
CA GLY B 68 12.75 23.33 12.27
C GLY B 68 11.97 22.11 12.68
N LEU B 69 11.58 21.99 13.95
CA LEU B 69 10.95 20.76 14.43
C LEU B 69 9.49 20.68 14.02
N ASN B 70 8.72 21.76 14.23
CA ASN B 70 7.27 21.69 13.99
C ASN B 70 6.93 21.43 12.52
N GLY B 71 7.80 21.82 11.59
CA GLY B 71 7.49 21.73 10.17
C GLY B 71 7.93 20.43 9.49
N LEU B 72 8.21 19.39 10.27
CA LEU B 72 8.78 18.17 9.72
C LEU B 72 7.77 17.24 9.09
N ARG B 73 6.49 17.40 9.40
CA ARG B 73 5.43 16.57 8.82
C ARG B 73 5.67 15.10 9.14
N VAL B 74 5.86 14.82 10.43
CA VAL B 74 6.18 13.47 10.87
C VAL B 74 5.59 13.19 12.23
N SER B 75 5.18 11.94 12.43
CA SER B 75 4.75 11.46 13.75
C SER B 75 5.26 10.03 13.90
N GLY B 76 5.14 9.50 15.11
CA GLY B 76 5.52 8.11 15.34
C GLY B 76 4.71 7.48 16.46
N SER B 77 4.77 6.15 16.52
CA SER B 77 4.13 5.44 17.62
C SER B 77 4.67 4.02 17.70
N SER B 78 4.25 3.32 18.74
CA SER B 78 4.40 1.87 18.78
C SER B 78 3.34 1.21 17.89
N GLN B 79 3.37 -0.11 17.82
CA GLN B 79 2.37 -0.84 17.05
C GLN B 79 0.98 -0.59 17.61
N PHE B 80 0.03 -0.32 16.71
CA PHE B 80 -1.35 -0.05 17.02
C PHE B 80 -2.23 -1.26 16.73
N SER B 81 -3.37 -1.32 17.42
CA SER B 81 -4.47 -2.18 17.02
C SER B 81 -5.18 -1.57 15.81
N LEU B 82 -6.17 -2.30 15.28
CA LEU B 82 -6.97 -1.74 14.19
C LEU B 82 -7.78 -0.54 14.67
N ALA B 83 -8.36 -0.64 15.86
CA ALA B 83 -9.08 0.49 16.43
C ALA B 83 -8.14 1.67 16.66
N GLY B 84 -6.90 1.37 17.05
CA GLY B 84 -5.92 2.43 17.26
C GLY B 84 -5.55 3.14 15.97
N LEU B 85 -5.44 2.38 14.87
CA LEU B 85 -5.17 3.02 13.59
C LEU B 85 -6.33 3.91 13.17
N ALA B 86 -7.55 3.41 13.33
CA ALA B 86 -8.72 4.20 12.96
C ALA B 86 -8.80 5.48 13.79
N LEU B 87 -8.47 5.38 15.08
CA LEU B 87 -8.45 6.58 15.94
C LEU B 87 -7.39 7.57 15.45
N MET B 88 -6.16 7.09 15.19
CA MET B 88 -5.11 7.98 14.73
C MET B 88 -5.50 8.65 13.41
N ARG B 89 -6.26 7.96 12.56
CA ARG B 89 -6.62 8.54 11.27
C ARG B 89 -7.46 9.81 11.45
N GLU B 90 -8.17 9.92 12.56
CA GLU B 90 -9.02 11.10 12.80
C GLU B 90 -8.19 12.37 12.83
N GLN B 91 -6.91 12.29 13.20
CA GLN B 91 -6.05 13.46 13.27
C GLN B 91 -4.91 13.44 12.26
N PHE B 92 -4.87 12.46 11.34
CA PHE B 92 -3.85 12.48 10.31
C PHE B 92 -4.20 13.53 9.25
N PRO B 93 -3.21 14.26 8.75
CA PRO B 93 -3.48 15.19 7.65
C PRO B 93 -3.76 14.45 6.36
N PRO B 94 -4.19 15.18 5.33
CA PRO B 94 -4.39 14.55 4.03
C PRO B 94 -3.08 13.95 3.53
N ARG B 95 -3.20 12.86 2.81
CA ARG B 95 -2.04 12.26 2.17
C ARG B 95 -1.01 11.80 3.19
N ALA B 96 -1.48 11.07 4.20
CA ALA B 96 -0.61 10.51 5.23
C ALA B 96 -0.17 9.09 4.83
N VAL B 97 1.03 8.72 5.26
CA VAL B 97 1.63 7.42 4.97
C VAL B 97 2.00 6.73 6.28
N ILE B 98 1.51 5.51 6.46
CA ILE B 98 2.02 4.62 7.51
C ILE B 98 3.33 4.03 7.03
N VAL B 99 4.41 4.27 7.77
CA VAL B 99 5.71 3.71 7.44
C VAL B 99 6.02 2.65 8.50
N ASP B 100 5.92 1.39 8.08
CA ASP B 100 6.06 0.24 8.94
C ASP B 100 7.52 -0.19 8.87
N LEU B 101 8.23 -0.07 9.98
CA LEU B 101 9.68 -0.32 10.03
C LEU B 101 10.00 -1.74 10.48
N ARG B 102 9.01 -2.62 10.54
CA ARG B 102 9.19 -3.92 11.18
C ARG B 102 9.75 -4.94 10.20
N ARG B 103 10.94 -5.46 10.50
CA ARG B 103 11.46 -6.57 9.72
C ARG B 103 10.71 -7.86 10.04
N GLU B 104 10.27 -8.02 11.29
CA GLU B 104 9.52 -9.18 11.72
C GLU B 104 8.17 -9.28 11.02
N SER B 105 7.73 -10.52 10.79
CA SER B 105 6.39 -10.77 10.25
C SER B 105 5.33 -10.41 11.28
N HIS B 106 4.27 -9.73 10.82
CA HIS B 106 3.25 -9.24 11.74
C HIS B 106 2.00 -8.87 10.95
N GLY B 107 0.92 -8.68 11.69
CA GLY B 107 -0.35 -8.27 11.09
C GLY B 107 -1.44 -8.19 12.14
N PHE B 108 -2.66 -8.47 11.74
CA PHE B 108 -3.81 -8.33 12.63
C PHE B 108 -4.62 -9.63 12.63
N LEU B 109 -5.02 -10.03 13.82
CA LEU B 109 -5.96 -11.14 14.04
C LEU B 109 -7.17 -10.52 14.71
N GLY B 110 -8.25 -10.36 13.96
CA GLY B 110 -9.28 -9.44 14.41
C GLY B 110 -8.65 -8.07 14.54
N GLY B 111 -9.00 -7.35 15.61
CA GLY B 111 -8.37 -6.07 15.88
C GLY B 111 -7.02 -6.15 16.55
N ASN B 112 -6.64 -7.35 17.00
CA ASN B 112 -5.39 -7.52 17.73
C ASN B 112 -4.19 -7.44 16.79
N ALA B 113 -3.20 -6.63 17.16
CA ALA B 113 -1.92 -6.64 16.47
C ALA B 113 -1.10 -7.82 17.01
N VAL B 114 -0.64 -8.68 16.11
CA VAL B 114 0.15 -9.85 16.51
C VAL B 114 1.38 -9.95 15.61
N SER B 115 2.41 -10.63 16.13
CA SER B 115 3.63 -10.81 15.37
C SER B 115 4.25 -12.16 15.73
N TRP B 116 5.18 -12.58 14.88
CA TRP B 116 5.95 -13.81 15.10
C TRP B 116 7.35 -13.41 15.52
N ARG B 117 7.66 -13.61 16.80
CA ARG B 117 8.88 -13.08 17.40
C ARG B 117 10.00 -14.13 17.41
N LEU B 118 11.14 -13.76 16.84
CA LEU B 118 12.38 -14.54 16.98
C LEU B 118 13.18 -14.01 18.16
N PRO B 119 14.24 -14.72 18.57
CA PRO B 119 15.01 -14.28 19.74
C PRO B 119 15.47 -12.83 19.60
N ASP B 120 15.26 -12.06 20.65
CA ASP B 120 15.50 -10.61 20.64
C ASP B 120 14.78 -9.93 19.47
N ASN B 121 13.72 -10.58 18.98
CA ASN B 121 12.87 -10.04 17.92
C ASN B 121 13.64 -9.87 16.61
N GLN B 122 14.55 -10.80 16.33
CA GLN B 122 15.35 -10.76 15.11
C GLN B 122 14.70 -11.55 13.98
N GLY B 123 13.42 -11.33 13.77
CA GLY B 123 12.71 -12.02 12.70
C GLY B 123 13.20 -11.63 11.32
N ASN B 124 12.99 -12.54 10.38
CA ASN B 124 13.36 -12.38 8.97
C ASN B 124 14.76 -11.75 8.85
N PRO B 125 15.77 -12.34 9.47
CA PRO B 125 17.10 -11.70 9.50
C PRO B 125 17.62 -11.38 8.10
N GLY B 126 17.98 -10.11 7.91
CA GLY B 126 18.62 -9.67 6.68
C GLY B 126 17.73 -9.58 5.46
N ARG B 127 16.44 -9.83 5.59
CA ARG B 127 15.54 -9.85 4.44
C ARG B 127 14.92 -8.48 4.21
N ASP B 128 14.56 -8.21 2.96
CA ASP B 128 13.99 -6.92 2.59
C ASP B 128 12.46 -6.96 2.69
N ALA B 129 11.85 -5.78 2.56
CA ALA B 129 10.42 -5.65 2.78
C ALA B 129 9.61 -6.55 1.86
N ALA B 130 10.01 -6.67 0.60
CA ALA B 130 9.24 -7.46 -0.36
C ALA B 130 9.16 -8.92 0.08
N PHE B 131 10.27 -9.49 0.56
CA PHE B 131 10.26 -10.87 1.02
C PHE B 131 9.42 -11.02 2.28
N VAL B 132 9.62 -10.12 3.25
CA VAL B 132 8.86 -10.16 4.50
C VAL B 132 7.37 -10.19 4.22
N ALA B 133 6.92 -9.40 3.23
CA ALA B 133 5.49 -9.31 2.96
C ALA B 133 4.91 -10.65 2.56
N GLU B 134 5.64 -11.41 1.74
N GLU B 134 5.63 -11.42 1.73
CA GLU B 134 5.13 -12.69 1.25
CA GLU B 134 5.09 -12.69 1.26
C GLU B 134 5.16 -13.75 2.34
C GLU B 134 5.14 -13.75 2.36
N ALA B 135 6.27 -13.87 3.06
CA ALA B 135 6.33 -14.78 4.19
C ALA B 135 5.26 -14.42 5.20
N GLU B 136 5.12 -13.13 5.46
CA GLU B 136 4.09 -12.62 6.36
C GLU B 136 2.70 -13.00 5.89
N ALA B 137 2.44 -12.91 4.58
CA ALA B 137 1.13 -13.25 4.06
C ALA B 137 0.77 -14.70 4.32
N ALA B 138 1.74 -15.61 4.15
CA ALA B 138 1.46 -17.03 4.38
C ALA B 138 1.16 -17.30 5.84
N LEU B 139 1.87 -16.63 6.75
CA LEU B 139 1.62 -16.80 8.18
C LEU B 139 0.23 -16.31 8.55
N LEU B 140 -0.16 -15.13 8.06
CA LEU B 140 -1.48 -14.61 8.36
C LEU B 140 -2.57 -15.51 7.78
N ALA B 141 -2.36 -16.03 6.57
CA ALA B 141 -3.33 -16.93 5.97
C ALA B 141 -3.55 -18.16 6.83
N ALA B 142 -2.52 -18.59 7.55
CA ALA B 142 -2.60 -19.80 8.37
C ALA B 142 -3.38 -19.60 9.66
N ILE B 143 -3.62 -18.35 10.08
CA ILE B 143 -4.42 -18.09 11.27
C ILE B 143 -5.75 -17.45 10.93
N ASP B 144 -6.01 -17.18 9.65
CA ASP B 144 -7.24 -16.52 9.23
C ASP B 144 -8.45 -17.41 9.48
N GLU B 145 -9.37 -16.94 10.33
CA GLU B 145 -10.64 -17.61 10.59
C GLU B 145 -10.43 -19.04 11.05
N ARG B 146 -9.49 -19.24 11.96
CA ARG B 146 -9.13 -20.53 12.52
C ARG B 146 -9.30 -20.50 14.03
N PRO B 147 -9.88 -21.53 14.62
CA PRO B 147 -10.07 -21.53 16.07
C PRO B 147 -8.82 -21.93 16.84
N ASP B 148 -8.84 -21.63 18.14
CA ASP B 148 -7.85 -22.13 19.08
C ASP B 148 -6.43 -21.66 18.73
N ILE B 149 -6.32 -20.40 18.32
CA ILE B 149 -4.99 -19.81 18.12
C ILE B 149 -4.47 -19.32 19.45
N VAL B 150 -3.37 -19.93 19.91
CA VAL B 150 -2.72 -19.50 21.15
C VAL B 150 -1.76 -18.38 20.82
N VAL B 151 -1.91 -17.25 21.52
CA VAL B 151 -1.09 -16.06 21.30
C VAL B 151 -0.41 -15.71 22.61
N ALA B 152 0.92 -15.66 22.60
CA ALA B 152 1.68 -15.35 23.79
C ALA B 152 1.56 -13.87 24.13
N ARG B 153 1.65 -13.58 25.43
CA ARG B 153 1.66 -12.20 25.93
C ARG B 153 2.85 -12.02 26.86
N GLU B 154 3.73 -11.08 26.53
CA GLU B 154 4.77 -10.68 27.45
C GLU B 154 4.17 -10.03 28.69
N ALA B 155 4.96 -9.97 29.76
CA ALA B 155 4.48 -9.37 31.00
C ALA B 155 4.06 -7.92 30.79
N ARG B 156 4.84 -7.16 30.01
CA ARG B 156 4.55 -5.76 29.76
C ARG B 156 3.35 -5.57 28.83
N ARG B 157 2.76 -6.65 28.32
CA ARG B 157 1.61 -6.55 27.42
C ARG B 157 0.45 -7.41 27.92
N GLY B 158 0.35 -7.59 29.24
CA GLY B 158 -0.75 -8.31 29.84
C GLY B 158 -0.45 -9.75 30.23
N GLY B 159 0.77 -10.22 29.99
CA GLY B 159 1.12 -11.60 30.29
C GLY B 159 1.33 -11.85 31.76
N PRO B 160 1.93 -13.00 32.11
CA PRO B 160 2.49 -14.00 31.19
C PRO B 160 1.48 -14.98 30.61
N THR B 161 0.24 -14.97 31.12
CA THR B 161 -0.74 -15.91 30.60
C THR B 161 -1.10 -15.55 29.16
N PRO B 162 -1.17 -16.52 28.26
CA PRO B 162 -1.47 -16.22 26.86
C PRO B 162 -2.97 -16.05 26.64
N LEU B 163 -3.31 -15.65 25.41
CA LEU B 163 -4.69 -15.61 24.97
C LEU B 163 -4.92 -16.74 23.97
N THR B 164 -6.17 -17.17 23.87
CA THR B 164 -6.62 -18.08 22.82
C THR B 164 -7.68 -17.33 22.01
N LEU B 165 -7.42 -17.17 20.72
CA LEU B 165 -8.27 -16.37 19.85
C LEU B 165 -8.73 -17.18 18.65
N GLY B 166 -9.78 -16.70 18.02
CA GLY B 166 -10.25 -17.26 16.78
C GLY B 166 -11.59 -17.94 16.92
N PRO B 167 -12.31 -18.11 15.81
CA PRO B 167 -11.89 -17.69 14.47
C PRO B 167 -12.10 -16.19 14.23
N LEU B 168 -11.04 -15.52 13.82
CA LEU B 168 -11.08 -14.09 13.50
C LEU B 168 -10.44 -13.86 12.14
N PRO B 169 -10.81 -12.80 11.45
CA PRO B 169 -10.14 -12.48 10.18
C PRO B 169 -8.73 -11.99 10.42
N ALA B 170 -7.80 -12.50 9.62
CA ALA B 170 -6.40 -12.06 9.63
C ALA B 170 -6.15 -11.19 8.39
N VAL B 171 -5.57 -10.01 8.60
CA VAL B 171 -5.23 -9.12 7.52
C VAL B 171 -3.85 -8.53 7.76
N SER B 172 -3.19 -8.14 6.66
CA SER B 172 -1.94 -7.43 6.76
C SER B 172 -2.19 -5.97 7.14
N GLU B 173 -1.15 -5.35 7.71
CA GLU B 173 -1.23 -3.90 7.92
C GLU B 173 -1.36 -3.15 6.61
N ALA B 174 -0.74 -3.65 5.54
CA ALA B 174 -0.91 -3.06 4.23
C ALA B 174 -2.39 -2.97 3.86
N GLN B 175 -3.16 -4.03 4.12
CA GLN B 175 -4.59 -3.98 3.80
C GLN B 175 -5.35 -3.11 4.79
N ALA B 176 -4.97 -3.14 6.08
CA ALA B 176 -5.60 -2.28 7.06
C ALA B 176 -5.44 -0.80 6.70
N ALA B 177 -4.24 -0.42 6.29
CA ALA B 177 -4.01 0.96 5.86
C ALA B 177 -4.86 1.30 4.64
N ALA B 178 -4.89 0.39 3.64
CA ALA B 178 -5.66 0.66 2.43
C ALA B 178 -7.13 0.84 2.76
N SER B 179 -7.65 0.06 3.69
CA SER B 179 -9.07 0.12 4.03
C SER B 179 -9.44 1.47 4.63
N LEU B 180 -8.44 2.22 5.10
CA LEU B 180 -8.67 3.55 5.65
C LEU B 180 -8.28 4.66 4.70
N GLY B 181 -7.83 4.35 3.48
CA GLY B 181 -7.39 5.40 2.58
C GLY B 181 -6.06 6.01 2.97
N LEU B 182 -5.20 5.24 3.65
CA LEU B 182 -3.88 5.71 4.08
C LEU B 182 -2.80 5.05 3.22
N GLY B 183 -1.75 5.81 2.94
CA GLY B 183 -0.58 5.25 2.31
C GLY B 183 0.12 4.25 3.22
N TYR B 184 0.92 3.37 2.61
CA TYR B 184 1.65 2.35 3.35
C TYR B 184 2.99 2.06 2.69
N LEU B 185 4.06 2.17 3.47
CA LEU B 185 5.40 1.82 3.04
C LEU B 185 6.00 0.88 4.08
N ARG B 186 6.61 -0.22 3.62
CA ARG B 186 7.28 -1.15 4.51
C ARG B 186 8.79 -1.04 4.30
N LEU B 187 9.51 -0.85 5.39
CA LEU B 187 10.98 -0.81 5.39
C LEU B 187 11.46 -1.75 6.49
N ALA B 188 12.25 -2.75 6.12
CA ALA B 188 12.61 -3.83 7.04
C ALA B 188 13.81 -3.44 7.88
N VAL B 189 13.58 -3.17 9.16
CA VAL B 189 14.62 -2.79 10.11
C VAL B 189 14.59 -3.75 11.30
N SER B 190 15.75 -4.29 11.66
CA SER B 190 15.83 -5.19 12.80
C SER B 190 15.75 -4.42 14.10
N ASP B 191 14.97 -4.95 15.05
CA ASP B 191 14.83 -4.35 16.36
C ASP B 191 16.19 -4.09 16.98
N HIS B 192 16.29 -2.99 17.72
CA HIS B 192 17.48 -2.63 18.48
C HIS B 192 18.70 -2.36 17.60
N THR B 193 18.52 -2.30 16.28
CA THR B 193 19.62 -2.11 15.34
C THR B 193 19.40 -0.84 14.54
N ARG B 194 20.50 -0.35 13.95
CA ARG B 194 20.41 0.69 12.93
C ARG B 194 19.87 0.08 11.64
N PRO B 195 19.33 0.91 10.74
CA PRO B 195 18.90 0.40 9.44
C PRO B 195 20.10 0.07 8.56
N ASP B 196 19.94 -0.96 7.73
CA ASP B 196 20.94 -1.30 6.73
C ASP B 196 21.09 -0.17 5.70
N ASP B 197 22.24 -0.17 5.03
CA ASP B 197 22.52 0.89 4.06
C ASP B 197 21.53 0.87 2.90
N ALA B 198 21.09 -0.33 2.47
CA ALA B 198 20.10 -0.40 1.41
C ALA B 198 18.76 0.20 1.85
N VAL B 199 18.39 -0.02 3.12
CA VAL B 199 17.16 0.56 3.64
C VAL B 199 17.30 2.07 3.76
N VAL B 200 18.46 2.55 4.22
CA VAL B 200 18.70 3.98 4.29
C VAL B 200 18.62 4.58 2.89
N GLU B 201 19.24 3.93 1.90
CA GLU B 201 19.19 4.43 0.53
C GLU B 201 17.76 4.49 0.02
N ARG B 202 16.99 3.43 0.27
CA ARG B 202 15.59 3.42 -0.17
C ARG B 202 14.80 4.52 0.51
N PHE B 203 15.05 4.77 1.80
CA PHE B 203 14.27 5.77 2.51
C PHE B 203 14.63 7.18 2.03
N VAL B 204 15.91 7.47 1.83
CA VAL B 204 16.28 8.80 1.36
C VAL B 204 15.65 9.06 0.00
N ARG B 205 15.71 8.08 -0.91
CA ARG B 205 15.07 8.25 -2.22
C ARG B 205 13.56 8.42 -2.07
N PHE B 206 12.95 7.66 -1.16
CA PHE B 206 11.52 7.84 -0.89
C PHE B 206 11.25 9.25 -0.40
N SER B 207 12.03 9.71 0.57
CA SER B 207 11.85 11.05 1.13
C SER B 207 11.91 12.11 0.02
N ARG B 208 12.90 12.00 -0.87
CA ARG B 208 13.05 12.98 -1.94
C ARG B 208 11.89 12.91 -2.93
N SER B 209 11.25 11.76 -3.06
CA SER B 209 10.17 11.61 -4.03
C SER B 209 8.85 12.20 -3.52
N LEU B 210 8.80 12.66 -2.28
CA LEU B 210 7.52 13.07 -1.69
C LEU B 210 7.12 14.46 -2.14
N PRO B 211 5.88 14.67 -2.55
CA PRO B 211 5.35 16.04 -2.65
C PRO B 211 5.39 16.71 -1.30
N PRO B 212 5.32 18.04 -1.27
CA PRO B 212 5.47 18.75 0.02
C PRO B 212 4.40 18.41 1.05
N ASP B 213 3.23 17.95 0.63
CA ASP B 213 2.09 17.82 1.53
C ASP B 213 2.01 16.45 2.20
N VAL B 214 2.92 15.54 1.90
CA VAL B 214 2.81 14.16 2.40
C VAL B 214 3.37 14.07 3.82
N TRP B 215 2.58 13.49 4.71
CA TRP B 215 2.91 13.29 6.12
C TRP B 215 3.32 11.83 6.32
N LEU B 216 4.37 11.61 7.13
CA LEU B 216 4.83 10.26 7.42
C LEU B 216 4.57 9.94 8.88
N HIS B 217 3.94 8.79 9.13
CA HIS B 217 3.77 8.28 10.48
C HIS B 217 4.57 6.98 10.57
N PHE B 218 5.67 7.02 11.31
CA PHE B 218 6.52 5.85 11.51
C PHE B 218 6.02 5.01 12.68
N HIS B 219 6.20 3.71 12.58
CA HIS B 219 6.02 2.86 13.75
C HIS B 219 6.85 1.59 13.61
N CYS B 220 7.18 1.03 14.76
CA CYS B 220 7.85 -0.26 14.84
C CYS B 220 7.02 -1.12 15.79
N ARG B 221 7.67 -1.89 16.66
CA ARG B 221 6.89 -2.60 17.66
C ARG B 221 6.61 -1.71 18.86
N GLY B 222 7.64 -1.11 19.46
CA GLY B 222 7.50 -0.37 20.70
C GLY B 222 7.53 1.15 20.61
N GLY B 223 7.81 1.68 19.42
CA GLY B 223 7.88 3.11 19.25
C GLY B 223 9.12 3.74 19.82
N ALA B 224 10.12 2.95 20.20
CA ALA B 224 11.34 3.45 20.79
C ALA B 224 12.44 3.54 19.73
N GLY B 225 13.38 2.60 19.74
CA GLY B 225 14.59 2.69 18.93
C GLY B 225 14.39 2.96 17.45
N ARG B 226 13.62 2.10 16.78
CA ARG B 226 13.50 2.22 15.33
C ARG B 226 12.67 3.43 14.93
N THR B 227 11.51 3.61 15.55
CA THR B 227 10.69 4.78 15.25
C THR B 227 11.46 6.06 15.52
N THR B 228 12.17 6.12 16.66
CA THR B 228 12.88 7.35 16.97
C THR B 228 14.03 7.59 16.01
N THR B 229 14.72 6.52 15.59
CA THR B 229 15.81 6.65 14.62
C THR B 229 15.30 7.29 13.32
N PHE B 230 14.16 6.83 12.82
CA PHE B 230 13.70 7.32 11.52
C PHE B 230 13.08 8.71 11.63
N MET B 231 12.42 9.03 12.74
CA MET B 231 12.03 10.42 12.96
C MET B 231 13.26 11.31 13.02
N THR B 232 14.38 10.79 13.57
CA THR B 232 15.62 11.54 13.59
C THR B 232 16.19 11.72 12.19
N LEU B 233 16.07 10.70 11.33
CA LEU B 233 16.56 10.82 9.96
C LEU B 233 15.77 11.89 9.22
N VAL B 234 14.46 11.92 9.40
CA VAL B 234 13.64 12.97 8.79
C VAL B 234 14.06 14.34 9.33
N ASP B 235 14.26 14.44 10.64
CA ASP B 235 14.75 15.67 11.25
C ASP B 235 16.06 16.12 10.59
N MET B 236 17.04 15.23 10.51
CA MET B 236 18.34 15.59 9.93
C MET B 236 18.22 15.99 8.46
N LEU B 237 17.41 15.26 7.69
CA LEU B 237 17.30 15.56 6.26
C LEU B 237 16.85 17.00 6.02
N ARG B 238 16.08 17.57 6.95
CA ARG B 238 15.66 18.97 6.84
C ARG B 238 16.52 19.93 7.63
N ASN B 239 17.09 19.51 8.76
CA ASN B 239 17.64 20.43 9.73
C ASN B 239 19.11 20.22 10.08
N ALA B 240 19.75 19.19 9.58
CA ALA B 240 21.16 18.97 9.92
C ALA B 240 22.02 20.20 9.66
N PRO B 241 21.84 20.97 8.59
CA PRO B 241 22.71 22.13 8.36
C PRO B 241 22.54 23.24 9.38
N SER B 242 21.41 23.31 10.09
CA SER B 242 21.14 24.45 10.96
C SER B 242 20.92 24.09 12.42
N VAL B 243 20.85 22.81 12.78
CA VAL B 243 20.56 22.42 14.15
C VAL B 243 21.61 21.40 14.60
N ALA B 244 22.08 21.57 15.83
CA ALA B 244 23.17 20.75 16.34
C ALA B 244 22.74 19.30 16.49
N PHE B 245 23.69 18.40 16.21
CA PHE B 245 23.42 16.97 16.29
C PHE B 245 22.77 16.58 17.62
N GLU B 246 23.29 17.11 18.72
CA GLU B 246 22.80 16.68 20.04
C GLU B 246 21.39 17.21 20.31
N ASP B 247 21.05 18.39 19.77
CA ASP B 247 19.70 18.92 19.97
C ASP B 247 18.66 18.10 19.20
N ILE B 248 19.01 17.57 18.03
CA ILE B 248 18.10 16.71 17.29
C ILE B 248 17.83 15.43 18.09
N ILE B 249 18.90 14.78 18.55
CA ILE B 249 18.75 13.58 19.35
C ILE B 249 17.90 13.87 20.58
N ALA B 250 18.19 14.99 21.26
CA ALA B 250 17.50 15.31 22.50
C ALA B 250 16.02 15.60 22.27
N ARG B 251 15.68 16.28 21.17
CA ARG B 251 14.29 16.68 21.01
C ARG B 251 13.42 15.50 20.56
N GLN B 252 13.99 14.55 19.82
CA GLN B 252 13.22 13.35 19.48
C GLN B 252 12.90 12.54 20.72
N LYS B 253 13.81 12.52 21.71
CA LYS B 253 13.47 11.93 23.00
C LYS B 253 12.40 12.73 23.72
N ALA B 254 12.57 14.07 23.76
CA ALA B 254 11.66 14.89 24.53
C ALA B 254 10.26 14.89 23.92
N LEU B 255 10.16 14.65 22.61
CA LEU B 255 8.85 14.55 21.97
C LEU B 255 8.06 13.36 22.47
N GLY B 256 8.75 12.31 22.94
CA GLY B 256 8.11 11.08 23.34
C GLY B 256 8.81 9.85 22.83
N GLY B 257 9.90 10.03 22.09
CA GLY B 257 10.67 8.94 21.59
C GLY B 257 11.62 8.43 22.66
N SER B 258 12.48 7.51 22.26
CA SER B 258 13.50 7.00 23.16
C SER B 258 14.74 7.89 23.10
N ASP B 259 15.61 7.71 24.09
CA ASP B 259 16.88 8.43 24.15
C ASP B 259 17.91 7.64 23.37
N LEU B 260 18.17 8.06 22.13
CA LEU B 260 19.12 7.36 21.30
C LEU B 260 20.56 7.52 21.78
N ALA B 261 20.81 8.45 22.70
CA ALA B 261 22.15 8.65 23.25
C ALA B 261 22.37 7.89 24.55
N LYS B 262 21.33 7.29 25.11
CA LYS B 262 21.40 6.65 26.41
C LYS B 262 22.15 5.33 26.36
N THR B 263 22.75 4.97 27.48
CA THR B 263 23.31 3.63 27.67
C THR B 263 22.93 3.15 29.06
N SER B 264 23.09 1.84 29.28
CA SER B 264 22.90 1.27 30.60
C SER B 264 24.02 1.73 31.53
N ASP B 265 23.84 1.41 32.82
CA ASP B 265 24.88 1.64 33.81
C ASP B 265 25.91 0.51 33.87
N GLY B 266 26.04 -0.26 32.78
CA GLY B 266 26.82 -1.47 32.78
C GLY B 266 26.01 -2.74 32.83
N SER B 267 24.70 -2.64 33.06
CA SER B 267 23.85 -3.82 33.17
C SER B 267 23.58 -4.49 31.83
N ALA B 268 23.71 -3.76 30.73
CA ALA B 268 23.40 -4.28 29.40
C ALA B 268 24.48 -3.87 28.42
N PRO B 269 25.68 -4.47 28.52
CA PRO B 269 26.76 -4.09 27.59
C PRO B 269 26.47 -4.46 26.15
N GLY B 270 25.81 -5.59 25.90
CA GLY B 270 25.45 -5.94 24.54
C GLY B 270 24.52 -4.91 23.91
N ARG B 271 23.46 -4.56 24.62
CA ARG B 271 22.52 -3.55 24.11
C ARG B 271 23.21 -2.19 23.97
N ASP B 272 24.06 -1.83 24.92
CA ASP B 272 24.80 -0.57 24.81
C ASP B 272 25.65 -0.55 23.54
N ALA B 273 26.32 -1.65 23.23
CA ALA B 273 27.12 -1.72 22.02
C ALA B 273 26.27 -1.39 20.80
N LEU B 274 25.09 -2.00 20.69
CA LEU B 274 24.20 -1.71 19.57
C LEU B 274 23.80 -0.24 19.55
N ALA B 275 23.52 0.33 20.71
CA ALA B 275 23.08 1.71 20.78
C ALA B 275 24.18 2.66 20.32
N ARG B 276 25.45 2.34 20.62
CA ARG B 276 26.55 3.20 20.19
C ARG B 276 26.77 3.08 18.68
N GLN B 277 26.75 1.86 18.14
CA GLN B 277 26.88 1.70 16.71
C GLN B 277 25.74 2.37 15.96
N ARG B 278 24.55 2.36 16.54
CA ARG B 278 23.44 3.11 15.99
C ARG B 278 23.72 4.60 16.03
N LEU B 279 24.39 5.07 17.09
CA LEU B 279 24.75 6.47 17.18
C LEU B 279 25.86 6.81 16.18
N GLU B 280 26.83 5.91 16.00
CA GLU B 280 27.84 6.09 14.95
C GLU B 280 27.16 6.36 13.60
N PHE B 281 26.17 5.53 13.25
CA PHE B 281 25.46 5.71 12.00
C PHE B 281 24.73 7.06 11.97
N LEU B 282 24.09 7.44 13.08
CA LEU B 282 23.33 8.68 13.10
C LEU B 282 24.23 9.88 12.90
N ARG B 283 25.43 9.85 13.50
CA ARG B 283 26.38 10.94 13.25
C ARG B 283 26.94 10.85 11.83
N ARG B 284 27.10 9.64 11.31
CA ARG B 284 27.50 9.48 9.91
C ARG B 284 26.40 9.98 8.98
N PHE B 285 25.13 9.84 9.37
CA PHE B 285 24.02 10.36 8.57
C PHE B 285 23.93 11.87 8.71
N TYR B 286 24.10 12.38 9.93
CA TYR B 286 24.12 13.81 10.16
C TYR B 286 25.14 14.50 9.26
N GLU B 287 26.34 13.94 9.15
CA GLU B 287 27.34 14.48 8.24
C GLU B 287 26.87 14.40 6.80
N TYR B 288 26.24 13.28 6.42
CA TYR B 288 25.72 13.16 5.06
C TYR B 288 24.70 14.25 4.75
N ALA B 289 23.84 14.57 5.73
CA ALA B 289 22.73 15.48 5.50
C ALA B 289 23.16 16.94 5.51
N ARG B 290 24.28 17.27 6.17
CA ARG B 290 24.84 18.60 6.02
C ARG B 290 25.49 18.76 4.65
N ALA B 291 26.17 17.72 4.18
CA ALA B 291 26.80 17.78 2.86
C ALA B 291 25.76 17.66 1.74
N ASN B 292 24.67 16.94 1.98
CA ASN B 292 23.62 16.71 0.98
C ASN B 292 22.26 17.03 1.59
N PRO B 293 21.96 18.31 1.78
CA PRO B 293 20.69 18.69 2.41
C PRO B 293 19.50 18.08 1.69
N GLY B 294 18.58 17.51 2.48
CA GLY B 294 17.43 16.84 1.93
C GLY B 294 17.75 15.59 1.13
N GLY B 295 18.99 15.14 1.16
CA GLY B 295 19.38 13.98 0.39
C GLY B 295 19.87 14.27 -1.01
N ALA B 296 20.35 15.48 -1.26
CA ALA B 296 20.85 15.86 -2.58
C ALA B 296 22.05 16.77 -2.41
N PRO B 297 22.98 16.78 -3.38
CA PRO B 297 22.93 16.04 -4.65
C PRO B 297 23.25 14.54 -4.58
N LEU B 298 23.95 14.09 -3.54
CA LEU B 298 24.39 12.71 -3.45
C LEU B 298 23.42 11.86 -2.63
N GLY B 299 23.21 10.62 -3.08
CA GLY B 299 22.50 9.65 -2.27
C GLY B 299 23.40 9.06 -1.20
N TRP B 300 22.77 8.28 -0.31
CA TRP B 300 23.51 7.71 0.82
C TRP B 300 24.61 6.76 0.35
N THR B 301 24.25 5.82 -0.53
CA THR B 301 25.25 4.89 -1.04
C THR B 301 26.33 5.62 -1.83
N ALA B 302 25.92 6.56 -2.68
CA ALA B 302 26.89 7.36 -3.43
C ALA B 302 27.87 8.06 -2.48
N TRP B 303 27.32 8.77 -1.49
CA TRP B 303 28.17 9.49 -0.54
C TRP B 303 29.12 8.54 0.17
N LEU B 304 28.61 7.37 0.59
CA LEU B 304 29.47 6.41 1.27
C LEU B 304 30.63 5.97 0.38
N ALA B 305 30.38 5.79 -0.91
CA ALA B 305 31.41 5.32 -1.82
C ALA B 305 32.53 6.34 -2.01
N GLY B 306 32.30 7.61 -1.70
CA GLY B 306 33.31 8.63 -1.85
C GLY B 306 34.09 8.86 -0.58
#